data_3SZS
#
_entry.id   3SZS
#
_cell.length_a   129.829
_cell.length_b   129.829
_cell.length_c   103.994
_cell.angle_alpha   90.00
_cell.angle_beta   90.00
_cell.angle_gamma   90.00
#
_symmetry.space_group_name_H-M   'I 4 2 2'
#
loop_
_entity.id
_entity.type
_entity.pdbx_description
1 polymer Hellethionin-D
2 non-polymer 'CHLORIDE ION'
3 non-polymer 'SODIUM ION'
4 water water
#
_entity_poly.entity_id   1
_entity_poly.type   'polypeptide(L)'
_entity_poly.pdbx_seq_one_letter_code
;KSCCRNTLARNCYNACRFTGGSQPTCGILCDCIHVTTTTCPSSHPS
;
_entity_poly.pdbx_strand_id   A,B,C,D,E,F,G
#
# COMPACT_ATOMS: atom_id res chain seq x y z
N LYS A 1 -20.22 -8.25 1.59
CA LYS A 1 -20.48 -9.29 2.63
C LYS A 1 -19.25 -9.40 3.53
N SER A 2 -18.86 -8.26 4.07
CA SER A 2 -17.50 -8.04 4.58
C SER A 2 -17.26 -8.59 5.99
N CYS A 3 -16.00 -8.94 6.25
CA CYS A 3 -15.56 -9.48 7.53
C CYS A 3 -14.15 -8.98 7.85
N CYS A 4 -13.99 -8.28 8.97
CA CYS A 4 -12.69 -7.71 9.36
C CYS A 4 -12.19 -8.24 10.70
N ARG A 5 -10.88 -8.16 10.90
CA ARG A 5 -10.22 -8.78 12.05
C ARG A 5 -10.39 -8.00 13.37
N ASN A 6 -10.57 -6.68 13.28
CA ASN A 6 -10.83 -5.83 14.45
C ASN A 6 -11.51 -4.51 14.04
N THR A 7 -11.85 -3.69 15.03
CA THR A 7 -12.62 -2.46 14.80
C THR A 7 -11.82 -1.37 14.05
N LEU A 8 -10.51 -1.29 14.28
CA LEU A 8 -9.64 -0.40 13.49
C LEU A 8 -9.70 -0.78 12.02
N ALA A 9 -9.64 -2.09 11.75
CA ALA A 9 -9.77 -2.61 10.36
C ALA A 9 -11.19 -2.45 9.80
N ARG A 10 -12.20 -2.53 10.68
CA ARG A 10 -13.60 -2.31 10.27
C ARG A 10 -13.85 -0.89 9.80
N ASN A 11 -13.37 0.09 10.55
CA ASN A 11 -13.48 1.48 10.15
C ASN A 11 -12.70 1.75 8.89
N CYS A 12 -11.53 1.14 8.81
CA CYS A 12 -10.75 1.19 7.60
C CYS A 12 -11.63 0.78 6.41
N TYR A 13 -12.32 -0.37 6.54
CA TYR A 13 -13.10 -0.92 5.43
C TYR A 13 -14.27 -0.02 5.02
N ASN A 14 -15.07 0.41 5.99
CA ASN A 14 -16.22 1.25 5.68
C ASN A 14 -15.85 2.57 5.01
N ALA A 15 -14.81 3.24 5.52
CA ALA A 15 -14.36 4.51 4.93
C ALA A 15 -13.83 4.28 3.50
N CYS A 16 -13.08 3.19 3.34
CA CYS A 16 -12.57 2.79 2.05
C CYS A 16 -13.70 2.61 1.05
N ARG A 17 -14.74 1.87 1.44
CA ARG A 17 -15.87 1.63 0.55
C ARG A 17 -16.61 2.92 0.21
N PHE A 18 -16.84 3.73 1.24
CA PHE A 18 -17.59 4.99 1.09
C PHE A 18 -16.90 5.95 0.11
N THR A 19 -15.57 6.01 0.14
CA THR A 19 -14.85 6.93 -0.73
C THR A 19 -14.46 6.31 -2.10
N GLY A 20 -15.08 5.18 -2.44
CA GLY A 20 -15.04 4.63 -3.79
C GLY A 20 -14.34 3.30 -3.99
N GLY A 21 -13.86 2.68 -2.91
CA GLY A 21 -13.08 1.46 -3.06
C GLY A 21 -13.92 0.23 -3.37
N SER A 22 -13.41 -0.63 -4.25
CA SER A 22 -14.04 -1.91 -4.54
C SER A 22 -13.89 -2.87 -3.38
N GLN A 23 -14.67 -3.94 -3.39
CA GLN A 23 -14.58 -4.93 -2.32
C GLN A 23 -13.17 -5.52 -2.21
N PRO A 24 -12.60 -6.00 -3.33
CA PRO A 24 -11.27 -6.59 -3.19
C PRO A 24 -10.20 -5.57 -2.70
N THR A 25 -10.27 -4.34 -3.19
CA THR A 25 -9.35 -3.26 -2.73
C THR A 25 -9.46 -3.04 -1.26
N CYS A 26 -10.68 -2.85 -0.80
CA CYS A 26 -10.88 -2.55 0.62
C CYS A 26 -10.48 -3.74 1.50
N GLY A 27 -10.68 -4.94 0.99
CA GLY A 27 -10.23 -6.13 1.71
C GLY A 27 -8.73 -6.16 1.82
N ILE A 28 -8.06 -5.77 0.74
CA ILE A 28 -6.60 -5.77 0.69
C ILE A 28 -6.02 -4.69 1.58
N LEU A 29 -6.55 -3.48 1.47
CA LEU A 29 -6.01 -2.33 2.20
C LEU A 29 -6.26 -2.43 3.70
N CYS A 30 -7.41 -2.99 4.08
CA CYS A 30 -7.82 -3.02 5.48
C CYS A 30 -7.67 -4.38 6.15
N ASP A 31 -6.98 -5.31 5.49
CA ASP A 31 -6.89 -6.68 5.97
C ASP A 31 -8.30 -7.23 6.30
N CYS A 32 -9.20 -7.23 5.31
CA CYS A 32 -10.55 -7.83 5.49
C CYS A 32 -10.86 -8.83 4.36
N ILE A 33 -11.93 -9.60 4.55
CA ILE A 33 -12.33 -10.65 3.62
C ILE A 33 -13.83 -10.62 3.32
N HIS A 34 -14.24 -11.34 2.29
CA HIS A 34 -15.65 -11.40 1.88
C HIS A 34 -16.14 -12.83 1.78
N VAL A 35 -17.27 -13.08 2.42
CA VAL A 35 -17.89 -14.41 2.51
C VAL A 35 -19.31 -14.39 1.94
N THR A 36 -19.78 -15.54 1.47
CA THR A 36 -21.16 -15.66 0.96
C THR A 36 -22.10 -16.29 2.01
N THR A 37 -21.70 -16.22 3.27
CA THR A 37 -22.47 -16.74 4.40
C THR A 37 -22.88 -15.59 5.33
N THR A 38 -23.67 -15.90 6.35
CA THR A 38 -24.25 -14.88 7.23
C THR A 38 -23.35 -14.45 8.41
N THR A 39 -22.22 -15.13 8.62
CA THR A 39 -21.29 -14.81 9.72
C THR A 39 -19.80 -14.98 9.35
N CYS A 40 -18.93 -14.41 10.18
CA CYS A 40 -17.46 -14.39 9.93
C CYS A 40 -16.70 -15.33 10.90
N PRO A 41 -15.44 -15.69 10.54
CA PRO A 41 -14.58 -16.47 11.45
C PRO A 41 -13.90 -15.60 12.52
N SER A 42 -13.69 -16.17 13.70
CA SER A 42 -13.09 -15.43 14.82
C SER A 42 -11.62 -15.14 14.55
N LYS B 1 9.52 16.69 -2.47
CA LYS B 1 9.19 15.59 -3.42
C LYS B 1 9.70 14.27 -2.88
N SER B 2 8.80 13.29 -2.81
CA SER B 2 9.15 11.91 -2.42
C SER B 2 9.84 11.16 -3.56
N CYS B 3 10.90 10.42 -3.22
CA CYS B 3 11.65 9.62 -4.19
C CYS B 3 11.92 8.25 -3.60
N CYS B 4 11.49 7.19 -4.29
CA CYS B 4 11.55 5.85 -3.68
C CYS B 4 12.60 4.95 -4.29
N ARG B 5 13.14 4.05 -3.47
CA ARG B 5 14.19 3.13 -3.92
C ARG B 5 13.80 2.38 -5.20
N ASN B 6 12.57 1.89 -5.24
CA ASN B 6 12.09 1.10 -6.38
C ASN B 6 10.56 1.02 -6.36
N THR B 7 9.95 0.28 -7.30
CA THR B 7 8.49 0.31 -7.43
C THR B 7 7.80 -0.23 -6.16
N LEU B 8 8.32 -1.31 -5.61
CA LEU B 8 7.77 -1.81 -4.35
C LEU B 8 7.79 -0.74 -3.25
N ALA B 9 8.90 0.00 -3.13
CA ALA B 9 9.03 1.06 -2.12
C ALA B 9 8.00 2.14 -2.32
N ARG B 10 7.73 2.46 -3.59
CA ARG B 10 6.72 3.45 -3.94
C ARG B 10 5.32 3.00 -3.53
N ASN B 11 4.97 1.76 -3.87
CA ASN B 11 3.71 1.15 -3.44
C ASN B 11 3.56 1.22 -1.92
N CYS B 12 4.62 0.83 -1.21
CA CYS B 12 4.64 0.91 0.25
C CYS B 12 4.38 2.33 0.74
N TYR B 13 5.09 3.29 0.15
CA TYR B 13 4.95 4.70 0.51
C TYR B 13 3.53 5.22 0.32
N ASN B 14 2.95 4.92 -0.83
CA ASN B 14 1.58 5.32 -1.12
C ASN B 14 0.57 4.71 -0.14
N ALA B 15 0.68 3.42 0.11
CA ALA B 15 -0.22 2.75 1.03
C ALA B 15 -0.09 3.36 2.42
N CYS B 16 1.16 3.66 2.80
CA CYS B 16 1.44 4.23 4.13
C CYS B 16 0.84 5.64 4.25
N ARG B 17 1.07 6.47 3.25
CA ARG B 17 0.47 7.80 3.20
C ARG B 17 -1.06 7.71 3.19
N PHE B 18 -1.60 6.69 2.53
CA PHE B 18 -3.05 6.56 2.37
C PHE B 18 -3.74 6.32 3.70
N THR B 19 -3.05 5.67 4.63
CA THR B 19 -3.53 5.44 5.99
C THR B 19 -3.30 6.65 6.90
N GLY B 20 -2.59 7.67 6.40
CA GLY B 20 -2.31 8.87 7.18
C GLY B 20 -0.91 8.94 7.77
N GLY B 21 0.01 8.07 7.35
CA GLY B 21 1.39 8.13 7.82
C GLY B 21 2.07 9.40 7.32
N SER B 22 2.89 9.99 8.15
CA SER B 22 3.64 11.21 7.79
C SER B 22 4.66 10.90 6.71
N GLN B 23 5.04 11.93 5.95
CA GLN B 23 6.04 11.77 4.90
C GLN B 23 7.32 11.16 5.48
N PRO B 24 7.86 11.70 6.58
CA PRO B 24 9.06 11.05 7.14
C PRO B 24 8.85 9.63 7.66
N THR B 25 7.67 9.36 8.24
CA THR B 25 7.38 8.03 8.76
C THR B 25 7.37 7.03 7.60
N CYS B 26 6.64 7.36 6.54
CA CYS B 26 6.54 6.49 5.38
C CYS B 26 7.90 6.38 4.66
N GLY B 27 8.71 7.43 4.76
CA GLY B 27 10.05 7.44 4.20
C GLY B 27 10.93 6.33 4.76
N ILE B 28 11.01 6.27 6.09
CA ILE B 28 11.82 5.24 6.75
C ILE B 28 11.17 3.86 6.72
N LEU B 29 9.84 3.81 6.72
CA LEU B 29 9.13 2.53 6.56
C LEU B 29 9.43 1.88 5.20
N CYS B 30 9.46 2.70 4.16
CA CYS B 30 9.41 2.22 2.78
C CYS B 30 10.67 2.44 1.95
N ASP B 31 11.67 3.10 2.55
CA ASP B 31 12.94 3.45 1.91
C ASP B 31 12.74 4.50 0.79
N CYS B 32 12.13 5.63 1.17
CA CYS B 32 11.95 6.76 0.29
C CYS B 32 12.54 8.02 0.96
N ILE B 33 13.26 8.80 0.15
CA ILE B 33 13.85 10.06 0.59
C ILE B 33 12.95 11.18 0.13
N HIS B 34 13.17 12.37 0.67
CA HIS B 34 12.46 13.56 0.22
C HIS B 34 13.49 14.60 -0.23
N VAL B 35 13.30 15.13 -1.44
CA VAL B 35 14.25 16.06 -2.06
C VAL B 35 13.57 17.40 -2.40
N THR B 36 14.38 18.44 -2.56
CA THR B 36 13.88 19.78 -2.95
C THR B 36 14.05 20.06 -4.43
N THR B 37 14.61 19.09 -5.17
CA THR B 37 14.74 19.17 -6.62
C THR B 37 13.41 18.73 -7.27
N THR B 38 13.22 19.12 -8.54
CA THR B 38 11.99 18.82 -9.28
C THR B 38 11.90 17.37 -9.77
N THR B 39 13.05 16.72 -9.93
CA THR B 39 13.11 15.30 -10.28
C THR B 39 13.89 14.55 -9.20
N CYS B 40 13.81 13.23 -9.24
CA CYS B 40 14.49 12.38 -8.25
C CYS B 40 15.92 12.03 -8.65
N PRO B 41 16.82 11.90 -7.67
CA PRO B 41 18.17 11.42 -7.98
C PRO B 41 18.19 9.94 -8.29
N SER B 42 19.29 9.49 -8.89
CA SER B 42 19.38 8.11 -9.38
C SER B 42 19.31 7.06 -8.26
N SER B 43 19.66 7.43 -7.03
CA SER B 43 19.63 6.48 -5.92
C SER B 43 18.21 6.03 -5.58
N HIS B 44 17.23 6.90 -5.87
CA HIS B 44 15.82 6.69 -5.51
C HIS B 44 14.95 7.17 -6.66
N PRO B 45 14.94 6.42 -7.77
CA PRO B 45 14.28 6.86 -9.00
C PRO B 45 12.77 6.60 -9.09
N SER B 46 12.17 5.91 -8.13
CA SER B 46 10.78 5.47 -8.33
C SER B 46 9.78 6.28 -7.52
N LYS C 1 -2.51 -4.31 3.01
CA LYS C 1 -1.87 -5.63 3.33
C LYS C 1 -0.57 -5.44 4.11
N SER C 2 -0.53 -5.93 5.35
CA SER C 2 0.70 -5.96 6.12
C SER C 2 1.58 -7.13 5.64
N CYS C 3 2.89 -6.89 5.54
CA CYS C 3 3.88 -7.94 5.23
C CYS C 3 5.04 -7.87 6.19
N CYS C 4 5.28 -8.95 6.94
CA CYS C 4 6.25 -8.92 8.03
C CYS C 4 7.50 -9.76 7.73
N ARG C 5 8.59 -9.40 8.41
CA ARG C 5 9.92 -9.99 8.23
C ARG C 5 9.88 -11.49 8.48
N ASN C 6 9.20 -11.89 9.55
CA ASN C 6 9.06 -13.27 10.00
C ASN C 6 7.81 -13.40 10.91
N THR C 7 7.68 -14.56 11.57
CA THR C 7 6.54 -14.86 12.45
C THR C 7 6.52 -14.01 13.72
N LEU C 8 7.69 -13.82 14.32
CA LEU C 8 7.79 -12.96 15.49
C LEU C 8 7.32 -11.54 15.16
N ALA C 9 7.69 -11.07 13.97
CA ALA C 9 7.31 -9.75 13.49
C ALA C 9 5.79 -9.65 13.24
N ARG C 10 5.21 -10.73 12.69
CA ARG C 10 3.77 -10.84 12.55
C ARG C 10 3.06 -10.84 13.90
N ASN C 11 3.60 -11.60 14.86
CA ASN C 11 3.01 -11.62 16.20
C ASN C 11 3.04 -10.22 16.81
N CYS C 12 4.19 -9.57 16.76
CA CYS C 12 4.37 -8.18 17.20
C CYS C 12 3.33 -7.27 16.55
N TYR C 13 3.25 -7.33 15.21
CA TYR C 13 2.36 -6.46 14.45
C TYR C 13 0.91 -6.63 14.88
N ASN C 14 0.46 -7.88 14.94
CA ASN C 14 -0.94 -8.16 15.23
C ASN C 14 -1.28 -7.68 16.63
N ALA C 15 -0.38 -7.91 17.59
CA ALA C 15 -0.58 -7.43 18.96
C ALA C 15 -0.58 -5.90 19.03
N CYS C 16 0.29 -5.27 18.23
CA CYS C 16 0.40 -3.81 18.16
C CYS C 16 -0.90 -3.19 17.63
N ARG C 17 -1.43 -3.78 16.56
CA ARG C 17 -2.68 -3.31 15.95
C ARG C 17 -3.88 -3.49 16.87
N PHE C 18 -3.91 -4.63 17.54
CA PHE C 18 -4.94 -4.94 18.53
C PHE C 18 -4.83 -3.98 19.74
N THR C 19 -3.65 -3.41 19.94
CA THR C 19 -3.43 -2.40 20.99
C THR C 19 -3.98 -1.03 20.61
N GLY C 20 -4.08 -0.74 19.31
CA GLY C 20 -4.50 0.59 18.84
C GLY C 20 -3.48 1.33 17.98
N GLY C 21 -2.36 0.68 17.64
CA GLY C 21 -1.31 1.31 16.87
C GLY C 21 -1.74 1.36 15.42
N SER C 22 -1.44 2.48 14.78
CA SER C 22 -1.66 2.64 13.34
C SER C 22 -0.82 1.63 12.53
N GLN C 23 -1.16 1.47 11.26
CA GLN C 23 -0.38 0.60 10.38
C GLN C 23 1.06 1.07 10.28
N PRO C 24 1.30 2.39 10.07
CA PRO C 24 2.70 2.86 10.00
C PRO C 24 3.48 2.67 11.31
N THR C 25 2.86 2.95 12.46
CA THR C 25 3.52 2.79 13.77
C THR C 25 3.87 1.32 14.04
N CYS C 26 2.88 0.46 13.90
CA CYS C 26 3.12 -0.97 14.07
C CYS C 26 4.14 -1.53 13.05
N GLY C 27 4.11 -1.01 11.83
CA GLY C 27 5.08 -1.38 10.80
C GLY C 27 6.51 -1.11 11.22
N ILE C 28 6.74 0.12 11.69
CA ILE C 28 8.05 0.57 12.16
C ILE C 28 8.53 -0.18 13.39
N LEU C 29 7.64 -0.41 14.34
CA LEU C 29 8.01 -1.08 15.56
C LEU C 29 8.11 -2.59 15.42
N CYS C 30 7.48 -3.18 14.40
CA CYS C 30 7.46 -4.64 14.30
C CYS C 30 8.16 -5.21 13.07
N ASP C 31 8.84 -4.34 12.31
CA ASP C 31 9.55 -4.78 11.11
C ASP C 31 8.58 -5.33 10.05
N CYS C 32 7.54 -4.56 9.76
CA CYS C 32 6.58 -4.93 8.72
C CYS C 32 6.42 -3.75 7.78
N ILE C 33 6.06 -4.05 6.53
CA ILE C 33 5.75 -3.02 5.54
C ILE C 33 4.33 -3.24 5.02
N HIS C 34 3.86 -2.30 4.20
CA HIS C 34 2.51 -2.38 3.66
C HIS C 34 2.53 -2.30 2.14
N VAL C 35 1.74 -3.15 1.49
CA VAL C 35 1.73 -3.26 0.04
C VAL C 35 0.30 -3.40 -0.43
N THR C 36 0.11 -3.33 -1.73
CA THR C 36 -1.20 -3.63 -2.31
C THR C 36 -1.11 -4.73 -3.35
N THR C 37 0.01 -5.46 -3.35
CA THR C 37 0.13 -6.65 -4.18
C THR C 37 -0.63 -7.79 -3.50
N THR C 38 -1.01 -8.82 -4.25
CA THR C 38 -1.81 -9.89 -3.64
C THR C 38 -0.97 -10.88 -2.84
N THR C 39 0.35 -10.88 -3.04
CA THR C 39 1.29 -11.66 -2.23
C THR C 39 2.29 -10.72 -1.61
N CYS C 40 2.94 -11.16 -0.54
CA CYS C 40 4.00 -10.37 0.05
C CYS C 40 5.32 -10.58 -0.72
N PRO C 41 6.19 -9.56 -0.75
CA PRO C 41 7.53 -9.76 -1.31
C PRO C 41 8.35 -10.69 -0.40
N SER C 42 9.38 -11.31 -0.96
CA SER C 42 10.13 -12.35 -0.24
C SER C 42 10.92 -11.77 0.93
N SER C 43 11.24 -10.48 0.86
CA SER C 43 11.87 -9.78 1.98
C SER C 43 10.97 -9.76 3.22
N HIS C 44 9.65 -9.74 3.03
CA HIS C 44 8.71 -9.70 4.17
C HIS C 44 7.55 -10.67 3.92
N PRO C 45 7.81 -11.99 4.03
CA PRO C 45 6.85 -12.99 3.57
C PRO C 45 5.72 -13.31 4.54
N SER C 46 5.87 -12.90 5.81
CA SER C 46 5.03 -13.36 6.90
C SER C 46 3.89 -12.40 7.22
N LYS D 1 30.15 11.56 14.20
CA LYS D 1 29.10 12.37 14.87
C LYS D 1 28.00 12.64 13.87
N SER D 2 26.74 12.42 14.27
CA SER D 2 25.59 12.70 13.41
C SER D 2 25.13 14.14 13.62
N CYS D 3 24.71 14.78 12.53
CA CYS D 3 24.29 16.17 12.52
C CYS D 3 23.05 16.24 11.64
N CYS D 4 21.95 16.78 12.18
CA CYS D 4 20.66 16.74 11.52
C CYS D 4 20.14 18.15 11.21
N ARG D 5 19.33 18.27 10.15
CA ARG D 5 18.86 19.55 9.67
C ARG D 5 18.08 20.34 10.73
N ASN D 6 17.31 19.61 11.53
CA ASN D 6 16.34 20.18 12.46
C ASN D 6 15.87 19.10 13.44
N THR D 7 15.06 19.51 14.41
CA THR D 7 14.51 18.60 15.42
C THR D 7 13.76 17.42 14.79
N LEU D 8 12.95 17.69 13.78
CA LEU D 8 12.22 16.62 13.10
C LEU D 8 13.16 15.58 12.51
N ALA D 9 14.28 16.04 11.95
CA ALA D 9 15.27 15.14 11.35
C ALA D 9 16.01 14.35 12.43
N ARG D 10 16.26 14.98 13.59
CA ARG D 10 16.86 14.27 14.71
C ARG D 10 15.94 13.14 15.20
N ASN D 11 14.68 13.45 15.46
CA ASN D 11 13.72 12.42 15.82
C ASN D 11 13.58 11.33 14.74
N CYS D 12 13.56 11.73 13.48
CA CYS D 12 13.54 10.77 12.37
C CYS D 12 14.76 9.84 12.46
N TYR D 13 15.93 10.44 12.58
CA TYR D 13 17.18 9.69 12.61
C TYR D 13 17.19 8.71 13.77
N ASN D 14 16.76 9.15 14.95
CA ASN D 14 16.74 8.27 16.12
C ASN D 14 15.77 7.09 15.96
N ALA D 15 14.58 7.34 15.41
CA ALA D 15 13.63 6.27 15.10
C ALA D 15 14.21 5.27 14.10
N CYS D 16 14.82 5.76 13.04
CA CYS D 16 15.43 4.90 12.02
C CYS D 16 16.55 4.01 12.64
N ARG D 17 17.40 4.60 13.48
CA ARG D 17 18.46 3.83 14.18
C ARG D 17 17.87 2.81 15.15
N PHE D 18 16.80 3.17 15.86
CA PHE D 18 16.10 2.22 16.72
C PHE D 18 15.58 0.99 15.94
N THR D 19 15.12 1.21 14.71
CA THR D 19 14.60 0.13 13.88
C THR D 19 15.70 -0.71 13.22
N GLY D 20 16.97 -0.42 13.52
CA GLY D 20 18.09 -1.20 12.99
C GLY D 20 18.78 -0.63 11.77
N GLY D 21 18.44 0.61 11.39
CA GLY D 21 19.03 1.22 10.19
C GLY D 21 20.48 1.63 10.39
N SER D 22 21.27 1.59 9.31
CA SER D 22 22.67 2.00 9.34
C SER D 22 22.78 3.53 9.44
N GLN D 23 23.94 3.99 9.91
CA GLN D 23 24.18 5.43 9.97
C GLN D 23 24.00 6.11 8.60
N PRO D 24 24.66 5.63 7.55
CA PRO D 24 24.48 6.30 6.25
C PRO D 24 23.04 6.28 5.72
N THR D 25 22.38 5.13 5.83
CA THR D 25 21.01 4.98 5.34
C THR D 25 20.07 5.90 6.12
N CYS D 26 20.18 5.91 7.44
CA CYS D 26 19.34 6.77 8.27
C CYS D 26 19.62 8.27 8.02
N GLY D 27 20.88 8.62 7.75
CA GLY D 27 21.22 9.99 7.37
C GLY D 27 20.52 10.44 6.09
N ILE D 28 20.55 9.60 5.07
CA ILE D 28 19.92 9.96 3.81
C ILE D 28 18.40 10.00 3.93
N LEU D 29 17.79 9.00 4.58
CA LEU D 29 16.34 9.01 4.79
C LEU D 29 15.83 10.21 5.60
N CYS D 30 16.64 10.69 6.54
CA CYS D 30 16.19 11.68 7.53
C CYS D 30 16.75 13.09 7.36
N ASP D 31 17.68 13.26 6.43
CA ASP D 31 18.33 14.56 6.17
C ASP D 31 19.33 14.89 7.26
N CYS D 32 20.16 13.89 7.61
CA CYS D 32 21.29 14.05 8.53
C CYS D 32 22.59 13.61 7.84
N ILE D 33 23.69 14.16 8.31
CA ILE D 33 25.02 13.83 7.84
C ILE D 33 25.90 13.40 9.00
N HIS D 34 27.06 12.84 8.66
CA HIS D 34 28.05 12.45 9.65
C HIS D 34 29.37 13.14 9.39
N VAL D 35 30.00 13.60 10.46
CA VAL D 35 31.23 14.35 10.37
C VAL D 35 32.25 13.75 11.33
N THR D 36 33.52 14.03 11.04
CA THR D 36 34.63 13.59 11.87
C THR D 36 35.06 14.64 12.91
N THR D 37 34.44 15.82 12.88
CA THR D 37 34.78 16.91 13.82
C THR D 37 34.03 16.81 15.16
N THR D 38 34.40 17.66 16.12
CA THR D 38 33.80 17.67 17.45
C THR D 38 32.40 18.27 17.41
N THR D 39 32.27 19.33 16.62
CA THR D 39 30.99 20.00 16.44
C THR D 39 30.45 19.80 15.04
N CYS D 40 29.17 20.10 14.92
CA CYS D 40 28.42 19.99 13.68
C CYS D 40 28.50 21.31 12.94
N PRO D 41 28.45 21.27 11.60
CA PRO D 41 28.35 22.49 10.82
C PRO D 41 27.03 23.20 11.08
N SER D 42 26.97 24.50 10.75
CA SER D 42 25.76 25.32 10.97
C SER D 42 24.55 24.87 10.14
N SER D 43 24.81 24.19 9.02
CA SER D 43 23.77 23.67 8.14
C SER D 43 22.95 22.54 8.77
N HIS D 44 23.53 21.86 9.76
CA HIS D 44 22.92 20.69 10.39
C HIS D 44 23.14 20.75 11.89
N PRO D 45 22.46 21.69 12.57
CA PRO D 45 22.71 22.01 13.95
C PRO D 45 21.97 21.16 14.99
N SER D 46 21.11 20.24 14.56
CA SER D 46 20.27 19.47 15.47
C SER D 46 20.76 18.04 15.58
N LYS E 1 -6.45 2.63 -21.98
CA LYS E 1 -7.14 1.44 -21.40
C LYS E 1 -6.11 0.64 -20.62
N SER E 2 -6.41 0.31 -19.36
CA SER E 2 -5.55 -0.54 -18.56
C SER E 2 -5.85 -2.02 -18.88
N CYS E 3 -4.80 -2.84 -18.94
CA CYS E 3 -4.91 -4.25 -19.28
C CYS E 3 -4.00 -5.04 -18.38
N CYS E 4 -4.54 -6.07 -17.72
CA CYS E 4 -3.77 -6.84 -16.73
C CYS E 4 -3.57 -8.30 -17.10
N ARG E 5 -2.48 -8.90 -16.59
CA ARG E 5 -2.08 -10.27 -16.95
C ARG E 5 -3.15 -11.28 -16.55
N ASN E 6 -3.71 -11.09 -15.36
CA ASN E 6 -4.71 -12.00 -14.81
C ASN E 6 -5.56 -11.29 -13.73
N THR E 7 -6.54 -11.98 -13.15
CA THR E 7 -7.44 -11.36 -12.18
C THR E 7 -6.72 -10.84 -10.92
N LEU E 8 -5.66 -11.54 -10.47
CA LEU E 8 -4.90 -11.05 -9.29
C LEU E 8 -4.10 -9.78 -9.60
N ALA E 9 -3.49 -9.75 -10.78
CA ALA E 9 -2.85 -8.55 -11.30
C ALA E 9 -3.82 -7.38 -11.26
N ARG E 10 -5.07 -7.62 -11.68
CA ARG E 10 -6.09 -6.58 -11.71
C ARG E 10 -6.46 -6.15 -10.29
N ASN E 11 -6.59 -7.10 -9.39
CA ASN E 11 -6.76 -6.79 -7.97
C ASN E 11 -5.63 -5.88 -7.48
N CYS E 12 -4.38 -6.26 -7.77
CA CYS E 12 -3.22 -5.46 -7.39
C CYS E 12 -3.31 -4.06 -8.00
N TYR E 13 -3.66 -3.99 -9.27
CA TYR E 13 -3.75 -2.73 -10.00
C TYR E 13 -4.75 -1.76 -9.37
N ASN E 14 -5.96 -2.23 -9.10
CA ASN E 14 -7.01 -1.38 -8.58
C ASN E 14 -6.62 -0.83 -7.21
N ALA E 15 -6.10 -1.69 -6.36
CA ALA E 15 -5.67 -1.26 -5.04
C ALA E 15 -4.48 -0.27 -5.11
N CYS E 16 -3.52 -0.54 -5.99
CA CYS E 16 -2.36 0.36 -6.17
C CYS E 16 -2.79 1.77 -6.61
N ARG E 17 -3.72 1.83 -7.57
CA ARG E 17 -4.28 3.10 -8.01
C ARG E 17 -5.13 3.80 -6.95
N PHE E 18 -6.00 3.06 -6.28
CA PHE E 18 -6.88 3.62 -5.24
C PHE E 18 -6.05 4.35 -4.17
N THR E 19 -4.89 3.79 -3.85
CA THR E 19 -3.99 4.38 -2.84
C THR E 19 -3.02 5.47 -3.36
N GLY E 20 -3.22 5.91 -4.60
CA GLY E 20 -2.51 7.06 -5.14
C GLY E 20 -1.42 6.72 -6.15
N GLY E 21 -1.35 5.44 -6.55
CA GLY E 21 -0.31 5.00 -7.48
C GLY E 21 -0.55 5.50 -8.88
N SER E 22 0.51 5.93 -9.56
CA SER E 22 0.42 6.35 -10.97
C SER E 22 0.24 5.15 -11.86
N GLN E 23 -0.15 5.41 -13.10
CA GLN E 23 -0.35 4.31 -14.05
C GLN E 23 0.96 3.54 -14.32
N PRO E 24 2.08 4.24 -14.52
CA PRO E 24 3.34 3.52 -14.71
C PRO E 24 3.77 2.67 -13.48
N THR E 25 3.68 3.25 -12.29
CA THR E 25 4.02 2.53 -11.07
C THR E 25 3.17 1.25 -10.96
N CYS E 26 1.85 1.41 -11.05
CA CYS E 26 0.92 0.30 -10.89
C CYS E 26 1.04 -0.77 -12.00
N GLY E 27 1.36 -0.34 -13.22
CA GLY E 27 1.60 -1.29 -14.32
C GLY E 27 2.80 -2.17 -13.99
N ILE E 28 3.91 -1.55 -13.59
CA ILE E 28 5.14 -2.30 -13.26
C ILE E 28 4.90 -3.21 -12.06
N LEU E 29 4.25 -2.67 -11.04
CA LEU E 29 4.05 -3.40 -9.77
C LEU E 29 3.24 -4.69 -10.01
N CYS E 30 2.21 -4.57 -10.84
CA CYS E 30 1.14 -5.56 -10.90
C CYS E 30 1.07 -6.38 -12.20
N ASP E 31 1.98 -6.13 -13.14
CA ASP E 31 1.97 -6.80 -14.46
C ASP E 31 0.74 -6.37 -15.25
N CYS E 32 0.49 -5.05 -15.27
CA CYS E 32 -0.52 -4.45 -16.13
C CYS E 32 0.10 -3.43 -17.10
N ILE E 33 -0.53 -3.23 -18.26
CA ILE E 33 -0.07 -2.26 -19.25
C ILE E 33 -1.18 -1.27 -19.57
N HIS E 34 -0.84 -0.18 -20.26
CA HIS E 34 -1.80 0.81 -20.70
C HIS E 34 -1.72 0.99 -22.21
N VAL E 35 -2.79 0.67 -22.90
CA VAL E 35 -2.82 0.74 -24.37
C VAL E 35 -3.75 1.83 -24.84
N THR E 36 -3.68 2.16 -26.13
CA THR E 36 -4.52 3.19 -26.72
C THR E 36 -5.50 2.60 -27.74
N THR E 37 -5.51 1.27 -27.85
CA THR E 37 -6.52 0.55 -28.60
C THR E 37 -7.79 0.40 -27.76
N THR E 38 -8.88 0.12 -28.44
CA THR E 38 -10.19 -0.10 -27.82
C THR E 38 -10.23 -1.44 -27.09
N THR E 39 -9.45 -2.41 -27.58
CA THR E 39 -9.32 -3.71 -26.89
C THR E 39 -7.95 -3.94 -26.27
N CYS E 40 -7.91 -4.82 -25.27
CA CYS E 40 -6.65 -5.26 -24.68
C CYS E 40 -6.02 -6.35 -25.54
N PRO E 41 -4.68 -6.42 -25.58
CA PRO E 41 -4.09 -7.52 -26.34
C PRO E 41 -4.20 -8.82 -25.56
N SER E 42 -4.04 -9.94 -26.26
CA SER E 42 -4.30 -11.24 -25.66
C SER E 42 -3.32 -11.60 -24.55
N SER E 43 -2.17 -10.92 -24.50
CA SER E 43 -1.23 -11.07 -23.38
C SER E 43 -1.76 -10.58 -22.01
N HIS E 44 -2.71 -9.64 -22.04
CA HIS E 44 -3.24 -9.04 -20.82
C HIS E 44 -4.76 -8.98 -20.89
N PRO E 45 -5.42 -10.14 -20.69
CA PRO E 45 -6.87 -10.22 -20.91
C PRO E 45 -7.75 -9.92 -19.69
N SER E 46 -7.15 -9.50 -18.57
CA SER E 46 -7.90 -9.28 -17.34
C SER E 46 -7.80 -7.84 -16.86
N LYS F 1 -13.55 -20.29 -14.07
CA LYS F 1 -12.67 -21.45 -13.74
C LYS F 1 -11.49 -20.99 -12.89
N SER F 2 -11.32 -21.56 -11.71
CA SER F 2 -10.17 -21.24 -10.87
C SER F 2 -8.91 -21.97 -11.37
N CYS F 3 -7.78 -21.30 -11.18
CA CYS F 3 -6.49 -21.80 -11.61
C CYS F 3 -5.51 -21.40 -10.52
N CYS F 4 -4.82 -22.38 -9.98
CA CYS F 4 -4.05 -22.19 -8.75
C CYS F 4 -2.55 -22.43 -8.93
N ARG F 5 -1.76 -21.70 -8.15
CA ARG F 5 -0.29 -21.71 -8.27
C ARG F 5 0.29 -23.12 -8.27
N ASN F 6 -0.25 -23.96 -7.40
CA ASN F 6 0.27 -25.31 -7.17
C ASN F 6 -0.71 -26.07 -6.29
N THR F 7 -0.36 -27.28 -5.90
CA THR F 7 -1.30 -28.14 -5.18
C THR F 7 -1.66 -27.58 -3.80
N LEU F 8 -0.71 -26.92 -3.15
CA LEU F 8 -1.00 -26.20 -1.92
C LEU F 8 -2.10 -25.17 -2.18
N ALA F 9 -1.91 -24.37 -3.21
CA ALA F 9 -2.86 -23.31 -3.55
C ALA F 9 -4.25 -23.85 -3.91
N ARG F 10 -4.28 -24.97 -4.61
CA ARG F 10 -5.54 -25.63 -4.94
C ARG F 10 -6.24 -26.17 -3.67
N ASN F 11 -5.51 -26.82 -2.77
CA ASN F 11 -6.13 -27.35 -1.54
C ASN F 11 -6.65 -26.17 -0.67
N CYS F 12 -5.87 -25.09 -0.66
CA CYS F 12 -6.23 -23.87 0.07
C CYS F 12 -7.53 -23.32 -0.50
N TYR F 13 -7.58 -23.19 -1.82
CA TYR F 13 -8.75 -22.65 -2.50
C TYR F 13 -10.00 -23.50 -2.30
N ASN F 14 -9.85 -24.82 -2.44
CA ASN F 14 -10.98 -25.75 -2.23
C ASN F 14 -11.63 -25.57 -0.86
N ALA F 15 -10.79 -25.57 0.18
CA ALA F 15 -11.24 -25.39 1.56
C ALA F 15 -11.83 -23.99 1.78
N CYS F 16 -11.13 -22.98 1.28
CA CYS F 16 -11.55 -21.59 1.44
C CYS F 16 -12.97 -21.37 0.92
N ARG F 17 -13.28 -21.92 -0.24
CA ARG F 17 -14.61 -21.81 -0.83
C ARG F 17 -15.68 -22.47 0.05
N PHE F 18 -15.38 -23.63 0.62
CA PHE F 18 -16.34 -24.29 1.49
C PHE F 18 -16.67 -23.41 2.68
N THR F 19 -15.62 -22.81 3.28
CA THR F 19 -15.76 -22.00 4.48
C THR F 19 -16.55 -20.72 4.22
N GLY F 20 -16.77 -20.39 2.94
CA GLY F 20 -17.67 -19.31 2.55
C GLY F 20 -17.01 -18.14 1.81
N GLY F 21 -15.69 -18.17 1.67
CA GLY F 21 -14.97 -17.09 1.01
C GLY F 21 -15.43 -16.87 -0.43
N SER F 22 -15.53 -15.61 -0.83
CA SER F 22 -15.79 -15.24 -2.22
C SER F 22 -14.67 -15.70 -3.13
N GLN F 23 -14.92 -15.65 -4.42
CA GLN F 23 -13.89 -16.05 -5.38
C GLN F 23 -12.63 -15.17 -5.29
N PRO F 24 -12.79 -13.83 -5.29
CA PRO F 24 -11.62 -12.96 -5.09
C PRO F 24 -10.91 -13.14 -3.76
N THR F 25 -11.67 -13.28 -2.67
CA THR F 25 -11.08 -13.55 -1.35
C THR F 25 -10.23 -14.81 -1.33
N CYS F 26 -10.78 -15.88 -1.90
CA CYS F 26 -10.06 -17.16 -1.94
C CYS F 26 -8.96 -17.11 -2.97
N GLY F 27 -9.18 -16.40 -4.09
CA GLY F 27 -8.11 -16.13 -5.05
C GLY F 27 -6.89 -15.47 -4.42
N ILE F 28 -7.14 -14.45 -3.60
CA ILE F 28 -6.10 -13.63 -2.98
C ILE F 28 -5.40 -14.39 -1.85
N LEU F 29 -6.18 -15.07 -1.02
CA LEU F 29 -5.63 -15.89 0.05
C LEU F 29 -4.72 -17.03 -0.46
N CYS F 30 -5.12 -17.68 -1.55
CA CYS F 30 -4.52 -18.97 -1.96
C CYS F 30 -3.72 -18.92 -3.28
N ASP F 31 -3.59 -17.71 -3.83
CA ASP F 31 -2.88 -17.47 -5.08
C ASP F 31 -3.51 -18.24 -6.21
N CYS F 32 -4.79 -17.98 -6.44
CA CYS F 32 -5.47 -18.54 -7.59
C CYS F 32 -6.06 -17.42 -8.40
N ILE F 33 -5.94 -17.54 -9.72
CA ILE F 33 -6.59 -16.64 -10.65
C ILE F 33 -7.88 -17.28 -11.17
N HIS F 34 -8.68 -16.48 -11.88
CA HIS F 34 -9.90 -16.98 -12.49
C HIS F 34 -9.89 -16.62 -13.95
N VAL F 35 -10.13 -17.62 -14.81
CA VAL F 35 -10.05 -17.45 -16.25
C VAL F 35 -11.34 -17.92 -16.92
N THR F 36 -11.55 -17.46 -18.15
CA THR F 36 -12.71 -17.86 -18.92
C THR F 36 -12.31 -18.79 -20.05
N THR F 37 -11.06 -19.21 -20.05
CA THR F 37 -10.61 -20.19 -21.04
C THR F 37 -10.90 -21.57 -20.48
N THR F 38 -10.87 -22.57 -21.35
CA THR F 38 -11.17 -23.95 -20.97
C THR F 38 -10.03 -24.58 -20.15
N THR F 39 -8.83 -24.01 -20.21
CA THR F 39 -7.67 -24.53 -19.47
C THR F 39 -6.90 -23.42 -18.77
N CYS F 40 -6.03 -23.82 -17.85
CA CYS F 40 -5.26 -22.88 -17.08
C CYS F 40 -3.92 -22.56 -17.74
N PRO F 41 -3.43 -21.32 -17.53
CA PRO F 41 -2.08 -20.95 -17.97
C PRO F 41 -1.02 -21.52 -17.03
N SER F 42 0.23 -21.54 -17.48
CA SER F 42 1.33 -22.20 -16.73
C SER F 42 1.69 -21.46 -15.44
N SER F 43 1.37 -20.17 -15.37
CA SER F 43 1.56 -19.43 -14.13
C SER F 43 0.74 -20.05 -12.98
N HIS F 44 -0.42 -20.59 -13.31
CA HIS F 44 -1.37 -21.12 -12.33
C HIS F 44 -2.04 -22.41 -12.87
N PRO F 45 -1.26 -23.51 -12.92
CA PRO F 45 -1.68 -24.70 -13.69
C PRO F 45 -2.72 -25.58 -13.00
N SER F 46 -2.86 -25.41 -11.69
CA SER F 46 -3.52 -26.37 -10.81
C SER F 46 -4.95 -26.04 -10.41
N LYS G 1 -6.21 7.76 -7.22
CA LYS G 1 -6.37 9.19 -7.65
C LYS G 1 -7.48 9.85 -6.86
N SER G 2 -7.17 10.96 -6.19
CA SER G 2 -8.15 11.65 -5.37
C SER G 2 -8.88 12.69 -6.20
N CYS G 3 -10.19 12.81 -5.97
CA CYS G 3 -11.04 13.71 -6.73
C CYS G 3 -11.97 14.43 -5.76
N CYS G 4 -11.94 15.77 -5.78
CA CYS G 4 -12.71 16.57 -4.81
C CYS G 4 -13.83 17.35 -5.47
N ARG G 5 -14.87 17.62 -4.69
CA ARG G 5 -16.08 18.28 -5.20
C ARG G 5 -15.78 19.63 -5.83
N ASN G 6 -14.93 20.41 -5.16
CA ASN G 6 -14.63 21.77 -5.58
C ASN G 6 -13.34 22.24 -4.89
N THR G 7 -12.95 23.50 -5.10
CA THR G 7 -11.69 24.03 -4.54
C THR G 7 -11.64 23.94 -3.02
N LEU G 8 -12.74 24.30 -2.37
CA LEU G 8 -12.80 24.26 -0.93
C LEU G 8 -12.71 22.82 -0.40
N ALA G 9 -13.37 21.88 -1.07
CA ALA G 9 -13.21 20.45 -0.74
C ALA G 9 -11.73 20.01 -0.81
N ARG G 10 -11.03 20.41 -1.86
CA ARG G 10 -9.61 20.08 -2.01
C ARG G 10 -8.75 20.70 -0.92
N ASN G 11 -9.03 21.96 -0.57
CA ASN G 11 -8.30 22.63 0.50
C ASN G 11 -8.53 21.94 1.84
N CYS G 12 -9.78 21.54 2.07
CA CYS G 12 -10.14 20.75 3.26
C CYS G 12 -9.34 19.45 3.30
N TYR G 13 -9.39 18.73 2.18
CA TYR G 13 -8.72 17.45 2.00
C TYR G 13 -7.23 17.59 2.32
N ASN G 14 -6.60 18.62 1.75
CA ASN G 14 -5.18 18.84 1.98
C ASN G 14 -4.88 19.19 3.44
N ALA G 15 -5.76 19.98 4.06
CA ALA G 15 -5.56 20.38 5.44
C ALA G 15 -5.71 19.19 6.38
N CYS G 16 -6.71 18.36 6.10
CA CYS G 16 -6.97 17.15 6.84
C CYS G 16 -5.78 16.19 6.72
N ARG G 17 -5.25 16.03 5.51
CA ARG G 17 -4.06 15.20 5.33
C ARG G 17 -2.87 15.76 6.12
N PHE G 18 -2.71 17.08 6.16
CA PHE G 18 -1.63 17.71 6.95
C PHE G 18 -1.74 17.35 8.45
N THR G 19 -2.99 17.26 8.94
CA THR G 19 -3.23 16.93 10.35
C THR G 19 -3.07 15.44 10.63
N GLY G 20 -2.82 14.64 9.59
CA GLY G 20 -2.46 13.24 9.77
C GLY G 20 -3.63 12.31 9.56
N GLY G 21 -4.71 12.83 9.00
CA GLY G 21 -5.88 12.03 8.66
C GLY G 21 -5.59 11.07 7.51
N SER G 22 -6.27 9.93 7.52
CA SER G 22 -6.14 8.96 6.45
C SER G 22 -6.87 9.56 5.27
N GLN G 23 -6.50 9.13 4.09
CA GLN G 23 -7.11 9.68 2.90
C GLN G 23 -8.60 9.41 2.84
N PRO G 24 -9.02 8.18 3.21
CA PRO G 24 -10.46 7.88 3.26
C PRO G 24 -11.25 8.74 4.24
N THR G 25 -10.74 8.89 5.48
CA THR G 25 -11.37 9.75 6.45
C THR G 25 -11.44 11.18 5.96
N CYS G 26 -10.34 11.66 5.40
CA CYS G 26 -10.26 13.01 4.88
C CYS G 26 -11.22 13.19 3.74
N GLY G 27 -11.34 12.17 2.90
CA GLY G 27 -12.33 12.20 1.84
C GLY G 27 -13.77 12.27 2.33
N ILE G 28 -14.06 11.56 3.42
CA ILE G 28 -15.40 11.61 4.03
C ILE G 28 -15.68 13.03 4.51
N LEU G 29 -14.75 13.58 5.24
CA LEU G 29 -14.96 14.85 5.93
C LEU G 29 -14.98 16.04 5.00
N CYS G 30 -14.36 15.90 3.83
CA CYS G 30 -14.13 17.03 2.92
C CYS G 30 -14.82 16.90 1.58
N ASP G 31 -15.58 15.81 1.38
CA ASP G 31 -16.32 15.60 0.12
C ASP G 31 -15.44 15.27 -1.10
N CYS G 32 -14.55 14.31 -0.88
CA CYS G 32 -13.67 13.77 -1.92
C CYS G 32 -13.77 12.24 -1.97
N ILE G 33 -13.50 11.70 -3.15
CA ILE G 33 -13.47 10.26 -3.40
C ILE G 33 -12.13 9.87 -4.03
N HIS G 34 -11.90 8.57 -4.12
CA HIS G 34 -10.70 8.06 -4.75
C HIS G 34 -11.11 7.14 -5.89
N VAL G 35 -10.38 7.23 -7.00
CA VAL G 35 -10.72 6.54 -8.22
C VAL G 35 -9.48 5.84 -8.78
N THR G 36 -9.71 4.93 -9.72
CA THR G 36 -8.65 4.16 -10.39
C THR G 36 -8.52 4.59 -11.85
N THR G 37 -9.52 5.31 -12.35
CA THR G 37 -9.55 5.73 -13.75
C THR G 37 -8.53 6.84 -14.02
N THR G 38 -8.20 6.99 -15.29
CA THR G 38 -7.25 7.99 -15.76
C THR G 38 -7.62 9.40 -15.29
N THR G 39 -8.90 9.72 -15.35
CA THR G 39 -9.39 11.05 -14.99
C THR G 39 -10.44 10.99 -13.86
N CYS G 40 -10.67 12.13 -13.22
CA CYS G 40 -11.73 12.24 -12.25
C CYS G 40 -13.11 12.32 -12.89
N PRO G 41 -14.14 11.80 -12.20
CA PRO G 41 -15.49 12.00 -12.72
C PRO G 41 -15.87 13.48 -12.66
N SER G 42 -16.76 13.90 -13.55
CA SER G 42 -17.13 15.32 -13.62
C SER G 42 -17.80 15.84 -12.34
N SER G 43 -18.39 14.93 -11.56
CA SER G 43 -18.97 15.26 -10.25
C SER G 43 -17.94 15.79 -9.25
N HIS G 44 -16.69 15.33 -9.39
CA HIS G 44 -15.60 15.71 -8.49
C HIS G 44 -14.39 16.15 -9.32
N PRO G 45 -14.41 17.39 -9.85
CA PRO G 45 -13.38 17.74 -10.82
C PRO G 45 -12.25 18.56 -10.22
N SER G 46 -12.16 18.61 -8.90
CA SER G 46 -11.17 19.45 -8.22
C SER G 46 -10.22 18.62 -7.37
#